data_9AT3
#
_entry.id   9AT3
#
_cell.length_a   55.172
_cell.length_b   98.499
_cell.length_c   58.885
_cell.angle_alpha   90.00
_cell.angle_beta   107.80
_cell.angle_gamma   90.00
#
_symmetry.space_group_name_H-M   'P 1 21 1'
#
loop_
_entity.id
_entity.type
_entity.pdbx_description
1 polymer '3C-like proteinase nsp5'
2 non-polymer '(1R,2S)-2-{[N-({[(2S)-1-(2-cyclohexylethyl)-5-oxopyrrolidin-2-yl]methoxy}carbonyl)-L-leucyl]amino}-1-hydroxy-3-[(3S)-2-oxopyrrolidin-3-yl]propane-1-sulfonic acid'
3 non-polymer '(1S,2S)-2-{[N-({[(2S)-1-(2-cyclohexylethyl)-5-oxopyrrolidin-2-yl]methoxy}carbonyl)-L-leucyl]amino}-1-hydroxy-3-[(3S)-2-oxopyrrolidin-3-yl]propane-1-sulfonic acid'
4 non-polymer 'CALCIUM ION'
5 water water
#
_entity_poly.entity_id   1
_entity_poly.type   'polypeptide(L)'
_entity_poly.pdbx_seq_one_letter_code
;SNIGSGFRKMAFPSGKVEGCMVQVTCGTTTLNGLWLDDVVYCPRHVICTSEDMLNPNYEDLLIRKSNHNFLVQAGNVQLR
VIGHSMQNCVLKLKVDTANPKTPKYKFVRIQPGQTFSVLACYNGSPSGVYQCAMRPNFTIKGSFLNGSCGSVGFNIDYDC
VSFCYMHHMELPTGVHAGTDLEGNFYGPFVDRQTAQAAGTDTTITVNVLAWLYAAVINGDRWFLNRFTTTLNDFNLVAMK
YNYEPLTQDHVDILGPLSAQTGIAVLDMCASLKELLQNGMNGRTILGSALLEDEFTPFDVVRQCSGVT
;
_entity_poly.pdbx_strand_id   A,B
#
# COMPACT_ATOMS: atom_id res chain seq x y z
N PHE A 7 11.10 6.00 -3.01
CA PHE A 7 9.87 6.23 -3.78
C PHE A 7 9.04 4.95 -3.91
N ARG A 8 7.83 4.95 -3.36
CA ARG A 8 7.03 3.74 -3.26
C ARG A 8 5.59 4.01 -3.68
N LYS A 9 4.91 2.92 -4.05
CA LYS A 9 3.49 2.97 -4.36
C LYS A 9 2.73 3.48 -3.15
N MET A 10 1.87 4.45 -3.40
CA MET A 10 1.05 5.05 -2.37
C MET A 10 -0.40 4.97 -2.82
N ALA A 11 -1.24 4.38 -1.98
CA ALA A 11 -2.66 4.33 -2.25
C ALA A 11 -3.36 5.52 -1.62
N PHE A 12 -4.54 5.84 -2.15
CA PHE A 12 -5.41 6.82 -1.53
C PHE A 12 -5.91 6.31 -0.19
N PRO A 13 -6.12 7.20 0.78
CA PRO A 13 -6.76 6.79 2.04
C PRO A 13 -8.12 6.21 1.71
N SER A 14 -8.44 5.08 2.31
CA SER A 14 -9.56 4.28 1.87
C SER A 14 -10.82 4.45 2.72
N GLY A 15 -10.80 5.32 3.72
CA GLY A 15 -11.91 5.34 4.66
C GLY A 15 -13.23 5.63 4.00
N LYS A 16 -13.25 6.56 3.04
CA LYS A 16 -14.52 6.90 2.41
C LYS A 16 -15.12 5.72 1.69
N VAL A 17 -14.27 4.80 1.20
CA VAL A 17 -14.78 3.59 0.53
C VAL A 17 -15.14 2.52 1.55
N GLU A 18 -14.36 2.37 2.64
CA GLU A 18 -14.67 1.38 3.66
C GLU A 18 -16.10 1.51 4.15
N GLY A 19 -16.54 2.74 4.32
CA GLY A 19 -17.87 3.03 4.84
C GLY A 19 -18.99 2.62 3.90
N CYS A 20 -18.65 2.20 2.69
CA CYS A 20 -19.61 1.74 1.70
C CYS A 20 -19.64 0.23 1.51
N MET A 21 -18.77 -0.53 2.15
CA MET A 21 -18.67 -1.93 1.81
C MET A 21 -19.63 -2.75 2.65
N VAL A 22 -20.36 -3.66 1.98
CA VAL A 22 -21.29 -4.56 2.62
C VAL A 22 -21.09 -5.96 2.07
N GLN A 23 -21.76 -6.90 2.71
CA GLN A 23 -21.75 -8.30 2.29
C GLN A 23 -23.03 -8.61 1.55
N VAL A 24 -22.91 -9.35 0.44
CA VAL A 24 -24.05 -9.77 -0.37
C VAL A 24 -24.00 -11.28 -0.54
N THR A 25 -25.11 -11.96 -0.22
CA THR A 25 -25.14 -13.41 -0.28
C THR A 25 -26.36 -13.88 -1.07
N CYS A 26 -26.14 -14.92 -1.86
CA CYS A 26 -27.18 -15.55 -2.65
C CYS A 26 -26.88 -17.04 -2.65
N GLY A 27 -27.80 -17.84 -2.12
CA GLY A 27 -27.53 -19.26 -1.99
C GLY A 27 -26.31 -19.50 -1.13
N THR A 28 -25.33 -20.21 -1.68
CA THR A 28 -24.06 -20.46 -1.00
C THR A 28 -22.93 -19.59 -1.54
N THR A 29 -23.25 -18.49 -2.22
CA THR A 29 -22.22 -17.59 -2.73
C THR A 29 -22.28 -16.28 -1.96
N THR A 30 -21.13 -15.86 -1.43
CA THR A 30 -21.02 -14.61 -0.71
C THR A 30 -19.88 -13.79 -1.30
N LEU A 31 -20.15 -12.52 -1.57
CA LEU A 31 -19.13 -11.60 -2.03
C LEU A 31 -19.47 -10.24 -1.47
N ASN A 32 -18.72 -9.22 -1.90
CA ASN A 32 -18.88 -7.87 -1.42
C ASN A 32 -19.78 -7.02 -2.32
N GLY A 33 -20.46 -6.06 -1.71
CA GLY A 33 -21.18 -5.03 -2.43
C GLY A 33 -20.75 -3.64 -2.04
N LEU A 34 -21.04 -2.69 -2.91
CA LEU A 34 -20.78 -1.26 -2.69
C LEU A 34 -22.11 -0.57 -2.50
N TRP A 35 -22.29 0.04 -1.32
CA TRP A 35 -23.56 0.61 -0.86
C TRP A 35 -23.47 2.12 -0.95
N LEU A 36 -24.15 2.69 -1.95
CA LEU A 36 -24.16 4.12 -2.17
C LEU A 36 -25.60 4.63 -2.17
N ASP A 37 -25.88 5.59 -1.29
CA ASP A 37 -27.26 6.06 -1.08
C ASP A 37 -28.12 4.84 -0.77
N ASP A 38 -29.16 4.53 -1.56
CA ASP A 38 -30.00 3.37 -1.23
C ASP A 38 -29.81 2.21 -2.20
N VAL A 39 -28.64 2.10 -2.83
CA VAL A 39 -28.40 1.05 -3.81
C VAL A 39 -27.09 0.33 -3.50
N VAL A 40 -27.12 -0.99 -3.61
CA VAL A 40 -25.93 -1.83 -3.43
C VAL A 40 -25.54 -2.43 -4.78
N TYR A 41 -24.30 -2.20 -5.17
CA TYR A 41 -23.77 -2.68 -6.44
C TYR A 41 -22.87 -3.87 -6.17
N CYS A 42 -23.01 -4.92 -6.97
CA CYS A 42 -22.14 -6.08 -6.79
C CYS A 42 -22.08 -6.87 -8.08
N PRO A 43 -21.13 -7.78 -8.20
CA PRO A 43 -21.04 -8.61 -9.40
C PRO A 43 -22.28 -9.50 -9.52
N ARG A 44 -22.80 -9.58 -10.74
CA ARG A 44 -24.00 -10.39 -10.94
C ARG A 44 -23.74 -11.88 -10.79
N HIS A 45 -22.49 -12.34 -10.90
CA HIS A 45 -22.31 -13.79 -10.81
C HIS A 45 -22.61 -14.33 -9.40
N VAL A 46 -22.94 -13.46 -8.45
CA VAL A 46 -23.38 -13.96 -7.15
C VAL A 46 -24.63 -14.80 -7.31
N ILE A 47 -25.40 -14.61 -8.40
CA ILE A 47 -26.64 -15.36 -8.55
C ILE A 47 -26.44 -16.71 -9.22
N CYS A 48 -25.20 -17.03 -9.54
CA CYS A 48 -24.91 -18.33 -10.18
C CYS A 48 -24.59 -19.43 -9.17
N THR A 49 -25.07 -20.65 -9.44
CA THR A 49 -24.66 -21.81 -8.69
C THR A 49 -23.47 -22.46 -9.39
N SER A 50 -22.95 -23.52 -8.78
CA SER A 50 -21.81 -24.21 -9.35
C SER A 50 -22.08 -24.63 -10.80
N GLU A 51 -23.28 -25.12 -11.08
CA GLU A 51 -23.60 -25.59 -12.43
C GLU A 51 -23.75 -24.42 -13.39
N ASP A 52 -24.50 -23.39 -12.97
CA ASP A 52 -24.75 -22.24 -13.82
C ASP A 52 -23.48 -21.62 -14.39
N MET A 53 -22.41 -21.59 -13.56
CA MET A 53 -21.29 -20.70 -13.83
C MET A 53 -20.59 -20.99 -15.14
N LEU A 54 -20.84 -22.13 -15.76
CA LEU A 54 -20.12 -22.48 -16.98
C LEU A 54 -20.66 -21.76 -18.21
N ASN A 55 -21.97 -21.54 -18.28
CA ASN A 55 -22.60 -20.76 -19.36
C ASN A 55 -23.86 -20.14 -18.79
N PRO A 56 -23.73 -19.12 -17.95
CA PRO A 56 -24.88 -18.60 -17.20
C PRO A 56 -25.72 -17.66 -18.05
N ASN A 57 -26.99 -17.98 -18.22
CA ASN A 57 -27.90 -17.05 -18.89
C ASN A 57 -28.44 -16.10 -17.83
N TYR A 58 -27.72 -15.00 -17.61
CA TYR A 58 -28.00 -14.14 -16.47
C TYR A 58 -29.42 -13.56 -16.50
N GLU A 59 -29.94 -13.22 -17.67
CA GLU A 59 -31.31 -12.70 -17.71
C GLU A 59 -32.28 -13.75 -17.21
N ASP A 60 -32.09 -15.01 -17.61
CA ASP A 60 -32.96 -16.08 -17.10
C ASP A 60 -32.73 -16.33 -15.62
N LEU A 61 -31.47 -16.36 -15.18
CA LEU A 61 -31.20 -16.55 -13.77
C LEU A 61 -31.78 -15.42 -12.95
N LEU A 62 -31.77 -14.18 -13.46
CA LEU A 62 -32.24 -13.05 -12.69
C LEU A 62 -33.76 -13.01 -12.59
N ILE A 63 -34.48 -13.39 -13.64
CA ILE A 63 -35.92 -13.30 -13.57
C ILE A 63 -36.46 -14.29 -12.55
N ARG A 64 -35.75 -15.40 -12.34
CA ARG A 64 -36.14 -16.44 -11.39
C ARG A 64 -35.78 -16.08 -9.96
N LYS A 65 -35.16 -14.93 -9.73
CA LYS A 65 -34.82 -14.47 -8.39
C LYS A 65 -35.87 -13.52 -7.85
N SER A 66 -36.06 -13.56 -6.54
CA SER A 66 -36.88 -12.56 -5.85
C SER A 66 -36.00 -11.72 -4.94
N ASN A 67 -36.55 -10.59 -4.50
CA ASN A 67 -35.80 -9.70 -3.61
C ASN A 67 -35.33 -10.43 -2.35
N HIS A 68 -36.16 -11.30 -1.78
CA HIS A 68 -35.78 -11.95 -0.54
C HIS A 68 -34.73 -13.05 -0.73
N ASN A 69 -34.37 -13.39 -1.96
CA ASN A 69 -33.26 -14.32 -2.16
C ASN A 69 -31.91 -13.66 -1.83
N PHE A 70 -31.86 -12.33 -1.77
CA PHE A 70 -30.61 -11.59 -1.62
C PHE A 70 -30.45 -11.17 -0.17
N LEU A 71 -29.44 -11.68 0.50
CA LEU A 71 -29.13 -11.28 1.87
C LEU A 71 -28.03 -10.23 1.81
N VAL A 72 -28.33 -9.01 2.21
CA VAL A 72 -27.33 -7.95 2.30
C VAL A 72 -27.12 -7.61 3.76
N GLN A 73 -25.86 -7.55 4.19
CA GLN A 73 -25.52 -7.24 5.57
C GLN A 73 -24.48 -6.14 5.62
N ALA A 74 -24.80 -5.06 6.32
CA ALA A 74 -23.85 -4.03 6.70
C ALA A 74 -23.50 -4.27 8.17
N GLY A 75 -22.29 -4.76 8.41
CA GLY A 75 -21.98 -5.24 9.74
C GLY A 75 -22.98 -6.28 10.18
N ASN A 76 -23.51 -6.12 11.40
CA ASN A 76 -24.53 -7.01 11.95
C ASN A 76 -25.95 -6.50 11.72
N VAL A 77 -26.16 -5.77 10.62
CA VAL A 77 -27.47 -5.20 10.29
C VAL A 77 -27.83 -5.67 8.90
N GLN A 78 -28.97 -6.34 8.77
CA GLN A 78 -29.46 -6.72 7.46
C GLN A 78 -30.15 -5.53 6.82
N LEU A 79 -29.92 -5.36 5.52
CA LEU A 79 -30.55 -4.32 4.71
C LEU A 79 -31.56 -5.03 3.83
N ARG A 80 -32.80 -4.62 3.91
CA ARG A 80 -33.85 -5.29 3.19
C ARG A 80 -33.80 -4.86 1.73
N VAL A 81 -33.72 -5.84 0.84
CA VAL A 81 -33.74 -5.61 -0.60
C VAL A 81 -35.19 -5.42 -1.03
N ILE A 82 -35.50 -4.23 -1.54
CA ILE A 82 -36.83 -3.87 -2.03
C ILE A 82 -36.86 -3.76 -3.55
N GLY A 83 -35.79 -4.11 -4.23
CA GLY A 83 -35.80 -4.07 -5.68
C GLY A 83 -34.45 -4.51 -6.18
N HIS A 84 -34.45 -5.01 -7.41
CA HIS A 84 -33.21 -5.49 -8.02
C HIS A 84 -33.27 -5.30 -9.53
N SER A 85 -32.11 -4.97 -10.11
CA SER A 85 -31.96 -4.90 -11.55
C SER A 85 -30.51 -5.15 -11.89
N MET A 86 -30.26 -5.33 -13.18
CA MET A 86 -28.95 -5.67 -13.70
C MET A 86 -28.53 -4.63 -14.74
N GLN A 87 -27.29 -4.17 -14.65
CA GLN A 87 -26.72 -3.28 -15.66
C GLN A 87 -25.44 -3.95 -16.09
N ASN A 88 -25.41 -4.46 -17.31
CA ASN A 88 -24.28 -5.25 -17.79
C ASN A 88 -23.95 -6.32 -16.77
N CYS A 89 -22.72 -6.39 -16.26
CA CYS A 89 -22.32 -7.45 -15.36
C CYS A 89 -22.44 -7.08 -13.89
N VAL A 90 -23.13 -6.00 -13.56
CA VAL A 90 -23.34 -5.61 -12.16
CA VAL A 90 -23.34 -5.56 -12.17
C VAL A 90 -24.82 -5.67 -11.84
N LEU A 91 -25.08 -6.15 -10.64
CA LEU A 91 -26.40 -6.22 -10.05
C LEU A 91 -26.56 -5.01 -9.17
N LYS A 92 -27.74 -4.40 -9.19
CA LYS A 92 -28.02 -3.21 -8.42
C LYS A 92 -29.21 -3.55 -7.54
N LEU A 93 -28.98 -3.62 -6.22
CA LEU A 93 -30.01 -4.00 -5.25
C LEU A 93 -30.46 -2.75 -4.53
N LYS A 94 -31.71 -2.34 -4.76
CA LYS A 94 -32.27 -1.21 -4.04
C LYS A 94 -32.58 -1.69 -2.63
N VAL A 95 -32.19 -0.91 -1.63
CA VAL A 95 -32.43 -1.27 -0.24
C VAL A 95 -33.29 -0.19 0.43
N ASP A 96 -33.87 -0.57 1.57
CA ASP A 96 -34.76 0.32 2.31
C ASP A 96 -34.02 1.31 3.20
N THR A 97 -32.69 1.34 3.16
CA THR A 97 -31.90 2.17 4.06
C THR A 97 -30.87 2.92 3.23
N ALA A 98 -30.74 4.22 3.48
CA ALA A 98 -29.72 5.02 2.83
C ALA A 98 -28.45 4.93 3.65
N ASN A 99 -27.30 4.86 2.95
CA ASN A 99 -26.01 4.91 3.62
C ASN A 99 -25.61 6.33 3.95
N PRO A 100 -25.63 6.75 5.22
CA PRO A 100 -25.24 8.12 5.55
C PRO A 100 -23.77 8.37 5.38
N LYS A 101 -22.97 7.32 5.20
CA LYS A 101 -21.55 7.45 4.95
C LYS A 101 -21.21 7.58 3.47
N THR A 102 -22.22 7.74 2.62
CA THR A 102 -21.99 7.83 1.18
C THR A 102 -21.14 9.06 0.88
N PRO A 103 -19.99 8.93 0.25
CA PRO A 103 -19.20 10.12 -0.08
C PRO A 103 -19.71 10.76 -1.36
N LYS A 104 -19.23 11.97 -1.62
CA LYS A 104 -19.34 12.51 -2.96
C LYS A 104 -18.60 11.58 -3.91
N TYR A 105 -19.24 11.19 -5.01
CA TYR A 105 -18.61 10.18 -5.86
C TYR A 105 -19.02 10.34 -7.31
N LYS A 106 -18.27 9.67 -8.18
CA LYS A 106 -18.70 9.46 -9.54
C LYS A 106 -18.18 8.12 -9.99
N PHE A 107 -18.74 7.65 -11.09
CA PHE A 107 -18.32 6.43 -11.74
C PHE A 107 -17.54 6.85 -12.97
N VAL A 108 -16.30 6.40 -13.09
CA VAL A 108 -15.48 6.74 -14.24
C VAL A 108 -14.92 5.46 -14.83
N ARG A 109 -14.75 5.45 -16.13
CA ARG A 109 -14.10 4.34 -16.79
C ARG A 109 -12.66 4.77 -17.04
N ILE A 110 -11.70 4.03 -16.47
CA ILE A 110 -10.31 4.44 -16.60
C ILE A 110 -9.72 3.92 -17.91
N GLN A 111 -8.63 4.60 -18.37
CA GLN A 111 -7.88 4.25 -19.55
C GLN A 111 -6.72 3.35 -19.20
N PRO A 112 -6.30 2.49 -20.11
CA PRO A 112 -5.11 1.68 -19.85
C PRO A 112 -3.91 2.58 -19.54
N GLY A 113 -3.11 2.13 -18.60
CA GLY A 113 -2.00 2.92 -18.12
C GLY A 113 -2.30 3.79 -16.92
N GLN A 114 -3.58 4.08 -16.66
CA GLN A 114 -3.93 4.85 -15.48
C GLN A 114 -3.89 3.96 -14.22
N THR A 115 -3.63 4.59 -13.09
CA THR A 115 -3.58 3.86 -11.83
C THR A 115 -4.78 4.16 -10.95
N PHE A 116 -4.99 3.28 -9.98
CA PHE A 116 -6.09 3.44 -9.03
C PHE A 116 -5.76 2.63 -7.79
N SER A 117 -6.41 2.99 -6.70
CA SER A 117 -6.31 2.24 -5.46
C SER A 117 -7.37 1.17 -5.39
N VAL A 118 -6.95 -0.01 -4.91
CA VAL A 118 -7.86 -1.14 -4.70
C VAL A 118 -8.08 -1.30 -3.20
N LEU A 119 -9.34 -1.43 -2.80
CA LEU A 119 -9.67 -1.81 -1.44
C LEU A 119 -10.15 -3.26 -1.47
N ALA A 120 -9.25 -4.18 -1.11
CA ALA A 120 -9.57 -5.59 -1.13
C ALA A 120 -10.41 -5.90 0.09
N CYS A 121 -11.53 -6.60 -0.12
CA CYS A 121 -12.48 -6.90 0.94
C CYS A 121 -12.90 -8.36 0.85
N TYR A 122 -13.26 -8.90 2.02
CA TYR A 122 -13.77 -10.26 2.15
C TYR A 122 -14.91 -10.24 3.16
N ASN A 123 -16.04 -10.85 2.78
CA ASN A 123 -17.23 -10.88 3.63
C ASN A 123 -17.65 -9.48 4.04
N GLY A 124 -17.49 -8.54 3.11
CA GLY A 124 -17.91 -7.19 3.38
C GLY A 124 -17.00 -6.42 4.30
N SER A 125 -15.88 -7.02 4.71
CA SER A 125 -14.90 -6.39 5.59
C SER A 125 -13.63 -5.99 4.83
N PRO A 126 -13.25 -4.72 4.86
CA PRO A 126 -12.01 -4.31 4.19
C PRO A 126 -10.79 -4.96 4.81
N SER A 127 -9.87 -5.42 3.96
CA SER A 127 -8.69 -6.14 4.41
C SER A 127 -7.35 -5.54 3.97
N GLY A 128 -7.26 -4.89 2.81
CA GLY A 128 -6.02 -4.26 2.42
C GLY A 128 -6.26 -3.24 1.35
N VAL A 129 -5.30 -2.32 1.18
CA VAL A 129 -5.38 -1.31 0.15
CA VAL A 129 -5.37 -1.29 0.16
C VAL A 129 -4.04 -1.22 -0.56
N TYR A 130 -4.09 -1.09 -1.87
CA TYR A 130 -2.86 -1.05 -2.65
C TYR A 130 -3.17 -0.44 -4.00
N GLN A 131 -2.11 0.07 -4.63
CA GLN A 131 -2.18 0.72 -5.92
C GLN A 131 -2.02 -0.31 -7.05
N CYS A 132 -2.83 -0.17 -8.09
CA CYS A 132 -2.83 -1.01 -9.29
C CYS A 132 -2.83 -0.11 -10.51
N ALA A 133 -2.39 -0.65 -11.64
CA ALA A 133 -2.61 0.01 -12.93
C ALA A 133 -3.51 -0.84 -13.79
N MET A 134 -4.31 -0.18 -14.61
CA MET A 134 -4.99 -0.87 -15.71
C MET A 134 -3.96 -1.22 -16.77
N ARG A 135 -3.69 -2.52 -16.96
CA ARG A 135 -2.70 -2.94 -17.97
C ARG A 135 -3.17 -2.54 -19.37
N PRO A 136 -2.24 -2.36 -20.29
CA PRO A 136 -2.65 -2.18 -21.69
C PRO A 136 -3.54 -3.30 -22.21
N ASN A 137 -3.37 -4.53 -21.73
CA ASN A 137 -4.23 -5.64 -22.12
C ASN A 137 -5.47 -5.75 -21.22
N PHE A 138 -5.73 -4.74 -20.40
CA PHE A 138 -6.98 -4.64 -19.62
C PHE A 138 -7.08 -5.68 -18.51
N THR A 139 -5.97 -6.23 -18.08
CA THR A 139 -5.93 -6.97 -16.82
C THR A 139 -5.39 -6.04 -15.76
N ILE A 140 -5.48 -6.48 -14.51
CA ILE A 140 -4.79 -5.81 -13.42
C ILE A 140 -4.03 -6.85 -12.64
N LYS A 141 -2.83 -6.49 -12.19
CA LYS A 141 -2.04 -7.40 -11.37
C LYS A 141 -2.42 -7.11 -9.93
N GLY A 142 -3.51 -7.74 -9.53
CA GLY A 142 -4.04 -7.55 -8.20
C GLY A 142 -3.59 -8.63 -7.24
N SER A 143 -3.98 -8.44 -6.01
CA SER A 143 -3.90 -9.44 -4.96
C SER A 143 -5.35 -9.64 -4.54
N PHE A 144 -5.95 -10.69 -5.07
CA PHE A 144 -7.34 -11.02 -4.82
C PHE A 144 -7.44 -12.52 -4.63
N LEU A 145 -8.10 -12.92 -3.58
CA LEU A 145 -8.36 -14.31 -3.24
C LEU A 145 -9.85 -14.65 -3.38
N ASN A 146 -10.20 -15.90 -3.09
CA ASN A 146 -11.60 -16.27 -3.04
C ASN A 146 -12.36 -15.31 -2.13
N GLY A 147 -13.56 -14.93 -2.56
CA GLY A 147 -14.39 -14.00 -1.82
C GLY A 147 -14.08 -12.52 -2.02
N SER A 148 -13.07 -12.18 -2.82
CA SER A 148 -12.71 -10.78 -3.06
C SER A 148 -13.67 -10.07 -4.02
N CYS A 149 -14.56 -10.81 -4.69
CA CYS A 149 -15.37 -10.18 -5.72
C CYS A 149 -16.22 -9.06 -5.13
N GLY A 150 -16.38 -8.01 -5.90
CA GLY A 150 -17.08 -6.83 -5.45
C GLY A 150 -16.22 -5.80 -4.76
N SER A 151 -14.97 -6.15 -4.42
CA SER A 151 -13.96 -5.16 -4.08
C SER A 151 -13.84 -4.15 -5.21
N VAL A 152 -13.57 -2.89 -4.85
CA VAL A 152 -13.59 -1.84 -5.86
C VAL A 152 -12.24 -1.15 -5.92
N GLY A 153 -12.00 -0.54 -7.07
CA GLY A 153 -10.86 0.33 -7.25
C GLY A 153 -11.34 1.76 -7.46
N PHE A 154 -10.51 2.73 -7.05
CA PHE A 154 -10.96 4.10 -7.03
C PHE A 154 -9.77 5.06 -7.01
N ASN A 155 -10.05 6.32 -7.36
CA ASN A 155 -9.18 7.45 -7.11
C ASN A 155 -9.95 8.49 -6.30
N ILE A 156 -9.22 9.40 -5.65
CA ILE A 156 -9.86 10.47 -4.87
C ILE A 156 -9.35 11.81 -5.37
N ASP A 157 -10.27 12.71 -5.68
CA ASP A 157 -9.96 14.07 -6.11
C ASP A 157 -10.73 15.02 -5.20
N TYR A 158 -10.02 15.80 -4.41
CA TYR A 158 -10.62 16.67 -3.40
C TYR A 158 -11.33 15.75 -2.42
N ASP A 159 -12.64 15.84 -2.23
CA ASP A 159 -13.34 14.89 -1.39
C ASP A 159 -14.17 13.92 -2.20
N CYS A 160 -14.00 13.90 -3.52
CA CYS A 160 -14.82 13.11 -4.43
C CYS A 160 -14.12 11.79 -4.76
N VAL A 161 -14.85 10.69 -4.58
CA VAL A 161 -14.35 9.36 -4.91
C VAL A 161 -14.82 8.98 -6.32
N SER A 162 -13.85 8.71 -7.18
CA SER A 162 -14.11 8.25 -8.55
C SER A 162 -13.90 6.74 -8.56
N PHE A 163 -15.00 5.98 -8.59
CA PHE A 163 -14.94 4.53 -8.64
C PHE A 163 -14.72 4.12 -10.08
N CYS A 164 -13.74 3.25 -10.29
CA CYS A 164 -13.40 2.86 -11.65
C CYS A 164 -13.32 1.35 -11.87
N TYR A 165 -13.43 0.55 -10.82
CA TYR A 165 -13.19 -0.88 -11.00
C TYR A 165 -14.00 -1.64 -9.96
N MET A 166 -14.56 -2.76 -10.38
CA MET A 166 -15.18 -3.71 -9.46
C MET A 166 -14.65 -5.07 -9.86
N HIS A 167 -14.24 -5.84 -8.88
CA HIS A 167 -13.52 -7.08 -9.15
C HIS A 167 -14.44 -8.26 -9.44
N HIS A 168 -14.14 -9.01 -10.51
CA HIS A 168 -14.94 -10.20 -10.84
C HIS A 168 -14.20 -11.53 -10.95
N MET A 169 -12.94 -11.60 -11.36
CA MET A 169 -12.35 -12.90 -11.70
C MET A 169 -10.84 -12.86 -11.73
N GLU A 170 -10.26 -14.07 -11.67
CA GLU A 170 -8.84 -14.33 -11.86
C GLU A 170 -8.63 -15.16 -13.10
N LEU A 171 -7.53 -14.94 -13.76
CA LEU A 171 -7.14 -15.66 -14.96
C LEU A 171 -6.12 -16.73 -14.62
N PRO A 172 -5.92 -17.70 -15.50
CA PRO A 172 -4.92 -18.76 -15.23
C PRO A 172 -3.54 -18.24 -14.87
N THR A 173 -3.13 -17.11 -15.42
CA THR A 173 -1.81 -16.56 -15.18
C THR A 173 -1.69 -15.89 -13.81
N GLY A 174 -2.79 -15.76 -13.07
CA GLY A 174 -2.73 -15.11 -11.78
C GLY A 174 -3.07 -13.65 -11.81
N VAL A 175 -3.33 -13.08 -12.98
CA VAL A 175 -3.76 -11.67 -13.06
C VAL A 175 -5.28 -11.66 -12.95
N HIS A 176 -5.85 -10.44 -12.92
CA HIS A 176 -7.24 -10.26 -12.56
C HIS A 176 -7.98 -9.42 -13.58
N ALA A 177 -9.32 -9.59 -13.58
CA ALA A 177 -10.16 -8.87 -14.52
C ALA A 177 -11.49 -8.50 -13.86
N GLY A 178 -12.04 -7.40 -14.34
CA GLY A 178 -13.23 -6.86 -13.73
C GLY A 178 -13.86 -5.83 -14.63
N THR A 179 -14.82 -5.09 -14.06
CA THR A 179 -15.64 -4.15 -14.78
C THR A 179 -15.50 -2.73 -14.22
N ASP A 180 -16.09 -1.78 -14.93
CA ASP A 180 -16.33 -0.48 -14.33
C ASP A 180 -17.63 -0.60 -13.52
N LEU A 181 -18.10 0.50 -12.96
CA LEU A 181 -19.26 0.44 -12.08
C LEU A 181 -20.55 0.51 -12.88
N GLU A 182 -20.44 0.63 -14.21
CA GLU A 182 -21.53 0.35 -15.11
C GLU A 182 -21.61 -1.10 -15.51
N GLY A 183 -20.69 -1.95 -15.02
CA GLY A 183 -20.75 -3.37 -15.30
C GLY A 183 -20.14 -3.81 -16.61
N ASN A 184 -19.44 -2.93 -17.30
CA ASN A 184 -18.73 -3.29 -18.51
C ASN A 184 -17.32 -3.75 -18.19
N PHE A 185 -16.97 -4.94 -18.66
CA PHE A 185 -15.60 -5.41 -18.46
C PHE A 185 -14.58 -4.48 -19.11
N TYR A 186 -13.44 -4.39 -18.46
CA TYR A 186 -12.22 -3.99 -19.12
C TYR A 186 -11.69 -5.23 -19.81
N GLY A 187 -11.43 -5.13 -21.11
CA GLY A 187 -10.86 -6.25 -21.82
C GLY A 187 -11.89 -7.21 -22.37
N PRO A 188 -11.38 -8.27 -23.00
CA PRO A 188 -12.24 -9.25 -23.69
C PRO A 188 -12.76 -10.36 -22.82
N PHE A 189 -12.96 -10.09 -21.53
CA PHE A 189 -13.32 -11.13 -20.57
C PHE A 189 -14.82 -11.23 -20.36
N VAL A 190 -15.22 -12.36 -19.81
CA VAL A 190 -16.62 -12.70 -19.65
C VAL A 190 -16.80 -13.37 -18.30
N ASP A 191 -17.90 -13.03 -17.63
CA ASP A 191 -18.19 -13.58 -16.30
C ASP A 191 -18.85 -14.96 -16.44
N ARG A 192 -18.04 -15.88 -16.96
CA ARG A 192 -18.32 -17.32 -16.94
C ARG A 192 -17.10 -18.03 -16.37
N GLN A 193 -17.34 -19.22 -15.81
CA GLN A 193 -16.31 -19.98 -15.08
C GLN A 193 -15.49 -20.79 -16.07
N THR A 194 -14.61 -20.08 -16.79
CA THR A 194 -13.72 -20.65 -17.78
C THR A 194 -12.34 -20.02 -17.66
N ALA A 195 -11.33 -20.76 -18.11
CA ALA A 195 -9.95 -20.26 -18.20
C ALA A 195 -9.84 -19.32 -19.38
N GLN A 196 -9.52 -18.06 -19.11
CA GLN A 196 -9.48 -17.03 -20.13
C GLN A 196 -8.11 -16.37 -20.18
N ALA A 197 -7.55 -16.28 -21.36
CA ALA A 197 -6.28 -15.65 -21.59
C ALA A 197 -6.50 -14.22 -22.06
N ALA A 198 -5.56 -13.35 -21.70
CA ALA A 198 -5.57 -11.98 -22.13
C ALA A 198 -4.74 -11.82 -23.41
N GLY A 199 -4.90 -10.68 -24.03
CA GLY A 199 -4.01 -10.32 -25.12
C GLY A 199 -2.61 -10.10 -24.61
N THR A 200 -1.65 -10.09 -25.53
CA THR A 200 -0.27 -9.90 -25.13
C THR A 200 -0.13 -8.56 -24.44
N ASP A 201 0.46 -8.59 -23.27
CA ASP A 201 0.58 -7.36 -22.54
C ASP A 201 1.80 -6.60 -23.03
N THR A 202 1.74 -5.31 -22.83
CA THR A 202 2.81 -4.41 -23.21
C THR A 202 3.12 -3.57 -21.97
N THR A 203 4.23 -2.85 -22.05
CA THR A 203 4.68 -2.00 -20.95
C THR A 203 4.23 -0.55 -21.15
N ILE A 204 3.87 0.12 -20.06
CA ILE A 204 3.27 1.45 -20.13
C ILE A 204 4.41 2.47 -20.15
N THR A 205 4.76 2.92 -21.35
CA THR A 205 6.00 3.65 -21.55
C THR A 205 6.02 4.98 -20.81
N VAL A 206 4.94 5.75 -20.89
CA VAL A 206 4.90 7.05 -20.22
C VAL A 206 5.14 6.89 -18.73
N ASN A 207 4.66 5.78 -18.14
CA ASN A 207 4.87 5.53 -16.71
C ASN A 207 6.30 5.14 -16.39
N VAL A 208 6.94 4.35 -17.27
CA VAL A 208 8.35 4.08 -17.02
C VAL A 208 9.13 5.38 -17.03
N LEU A 209 8.81 6.26 -17.97
CA LEU A 209 9.53 7.52 -18.03
C LEU A 209 9.28 8.34 -16.77
N ALA A 210 8.04 8.33 -16.27
CA ALA A 210 7.77 9.04 -15.02
C ALA A 210 8.62 8.48 -13.89
N TRP A 211 8.78 7.15 -13.85
CA TRP A 211 9.52 6.53 -12.78
C TRP A 211 11.02 6.77 -12.91
N LEU A 212 11.55 6.83 -14.13
CA LEU A 212 12.96 7.24 -14.29
C LEU A 212 13.16 8.64 -13.73
N TYR A 213 12.25 9.57 -14.05
CA TYR A 213 12.33 10.92 -13.48
C TYR A 213 12.28 10.88 -11.97
N ALA A 214 11.41 10.05 -11.41
CA ALA A 214 11.42 9.87 -9.96
C ALA A 214 12.78 9.40 -9.47
N ALA A 215 13.43 8.50 -10.22
CA ALA A 215 14.72 8.01 -9.74
C ALA A 215 15.74 9.14 -9.77
N VAL A 216 15.65 10.02 -10.77
CA VAL A 216 16.53 11.17 -10.85
C VAL A 216 16.30 12.11 -9.66
N ILE A 217 15.05 12.53 -9.45
CA ILE A 217 14.70 13.39 -8.32
C ILE A 217 15.22 12.82 -7.01
N ASN A 218 15.28 11.49 -6.90
CA ASN A 218 15.80 10.82 -5.72
C ASN A 218 17.32 10.75 -5.69
N GLY A 219 18.00 11.32 -6.68
CA GLY A 219 19.45 11.27 -6.75
C GLY A 219 20.04 10.15 -7.58
N ASP A 220 19.21 9.30 -8.17
CA ASP A 220 19.69 8.19 -8.99
C ASP A 220 19.77 8.66 -10.44
N ARG A 221 20.94 8.52 -11.08
CA ARG A 221 21.12 9.07 -12.45
C ARG A 221 22.09 8.23 -13.29
N TRP A 222 22.47 7.05 -12.82
CA TRP A 222 23.46 6.28 -13.55
C TRP A 222 23.04 5.98 -14.98
N PHE A 223 21.73 5.88 -15.23
CA PHE A 223 21.17 5.46 -16.51
C PHE A 223 21.03 6.61 -17.51
N LEU A 224 21.18 7.87 -17.08
CA LEU A 224 21.11 8.99 -18.00
C LEU A 224 22.24 8.91 -19.02
N ASN A 225 22.04 9.56 -20.16
CA ASN A 225 23.11 9.64 -21.16
C ASN A 225 22.99 10.96 -21.90
N ARG A 226 24.03 11.27 -22.67
CA ARG A 226 24.06 12.49 -23.48
C ARG A 226 23.50 12.27 -24.87
N PHE A 227 23.20 11.03 -25.24
CA PHE A 227 22.58 10.74 -26.52
C PHE A 227 21.17 11.32 -26.57
N THR A 228 20.60 11.33 -27.77
CA THR A 228 19.26 11.88 -27.97
C THR A 228 18.55 11.05 -29.04
N THR A 229 17.26 11.33 -29.19
CA THR A 229 16.40 10.54 -30.04
C THR A 229 15.25 11.41 -30.46
N THR A 230 14.73 11.13 -31.65
CA THR A 230 13.44 11.65 -32.05
C THR A 230 12.34 10.81 -31.45
N LEU A 231 11.15 11.39 -31.42
CA LEU A 231 10.00 10.67 -30.89
C LEU A 231 9.69 9.46 -31.76
N ASN A 232 9.75 9.62 -33.08
CA ASN A 232 9.43 8.50 -33.95
C ASN A 232 10.43 7.36 -33.77
N ASP A 233 11.72 7.69 -33.71
CA ASP A 233 12.73 6.65 -33.59
C ASP A 233 12.65 5.98 -32.22
N PHE A 234 12.34 6.75 -31.18
CA PHE A 234 12.10 6.11 -29.89
C PHE A 234 10.95 5.13 -30.00
N ASN A 235 9.84 5.54 -30.63
CA ASN A 235 8.67 4.67 -30.69
C ASN A 235 8.94 3.40 -31.49
N LEU A 236 9.81 3.47 -32.51
CA LEU A 236 10.19 2.27 -33.24
C LEU A 236 10.84 1.27 -32.31
N VAL A 237 11.73 1.75 -31.45
CA VAL A 237 12.41 0.86 -30.52
C VAL A 237 11.43 0.37 -29.48
N ALA A 238 10.62 1.28 -28.96
CA ALA A 238 9.57 0.90 -27.99
C ALA A 238 8.72 -0.25 -28.51
N MET A 239 8.15 -0.09 -29.71
CA MET A 239 7.30 -1.14 -30.23
C MET A 239 8.07 -2.43 -30.38
N LYS A 240 9.35 -2.33 -30.75
CA LYS A 240 10.13 -3.57 -30.90
C LYS A 240 10.20 -4.35 -29.59
N TYR A 241 10.17 -3.66 -28.46
CA TYR A 241 10.27 -4.28 -27.15
C TYR A 241 8.92 -4.38 -26.44
N ASN A 242 7.83 -4.26 -27.18
CA ASN A 242 6.49 -4.42 -26.64
C ASN A 242 6.21 -3.39 -25.55
N TYR A 243 6.70 -2.18 -25.78
CA TYR A 243 6.32 -0.98 -25.05
C TYR A 243 5.24 -0.24 -25.83
N GLU A 244 4.31 0.39 -25.10
CA GLU A 244 3.29 1.21 -25.75
C GLU A 244 3.92 2.39 -26.47
N PRO A 245 3.31 2.85 -27.55
CA PRO A 245 3.70 4.13 -28.14
C PRO A 245 3.66 5.26 -27.12
N LEU A 246 4.56 6.21 -27.30
CA LEU A 246 4.55 7.45 -26.55
C LEU A 246 3.98 8.53 -27.47
N THR A 247 2.90 9.17 -27.04
CA THR A 247 2.28 10.22 -27.83
C THR A 247 2.85 11.58 -27.44
N GLN A 248 2.57 12.58 -28.27
CA GLN A 248 2.91 13.95 -27.91
C GLN A 248 2.15 14.40 -26.67
N ASP A 249 0.92 13.94 -26.47
CA ASP A 249 0.23 14.23 -25.21
C ASP A 249 0.99 13.67 -24.02
N HIS A 250 1.54 12.45 -24.14
CA HIS A 250 2.41 11.95 -23.09
C HIS A 250 3.61 12.85 -22.86
N VAL A 251 4.24 13.29 -23.95
CA VAL A 251 5.41 14.15 -23.78
C VAL A 251 4.99 15.42 -23.06
N ASP A 252 3.86 15.99 -23.47
CA ASP A 252 3.34 17.18 -22.81
C ASP A 252 3.12 16.92 -21.33
N ILE A 253 2.50 15.77 -21.02
CA ILE A 253 2.19 15.38 -19.65
C ILE A 253 3.44 15.28 -18.81
N LEU A 254 4.56 14.91 -19.43
CA LEU A 254 5.80 14.79 -18.69
C LEU A 254 6.53 16.13 -18.54
N GLY A 255 5.95 17.22 -19.03
CA GLY A 255 6.59 18.51 -18.96
C GLY A 255 7.06 18.86 -17.56
N PRO A 256 6.12 18.84 -16.60
CA PRO A 256 6.48 19.24 -15.24
C PRO A 256 7.67 18.49 -14.68
N LEU A 257 7.69 17.16 -14.82
CA LEU A 257 8.85 16.39 -14.37
C LEU A 257 10.09 16.76 -15.17
N SER A 258 9.94 17.09 -16.45
CA SER A 258 11.11 17.50 -17.25
C SER A 258 11.66 18.82 -16.72
N ALA A 259 10.81 19.83 -16.61
CA ALA A 259 11.23 21.09 -16.04
C ALA A 259 11.96 20.89 -14.71
N GLN A 260 11.35 20.12 -13.82
CA GLN A 260 11.89 20.01 -12.46
C GLN A 260 13.30 19.44 -12.45
N THR A 261 13.56 18.44 -13.27
CA THR A 261 14.86 17.80 -13.32
C THR A 261 15.80 18.42 -14.34
N GLY A 262 15.28 19.29 -15.21
CA GLY A 262 16.07 19.80 -16.33
C GLY A 262 16.46 18.76 -17.35
N ILE A 263 15.64 17.74 -17.55
CA ILE A 263 15.96 16.68 -18.49
C ILE A 263 14.85 16.65 -19.53
N ALA A 264 15.22 16.84 -20.79
CA ALA A 264 14.23 16.86 -21.84
C ALA A 264 13.57 15.50 -21.91
N VAL A 265 12.27 15.51 -22.19
CA VAL A 265 11.54 14.24 -22.30
C VAL A 265 12.27 13.31 -23.28
N LEU A 266 12.66 13.82 -24.44
CA LEU A 266 13.29 12.96 -25.43
C LEU A 266 14.68 12.53 -25.00
N ASP A 267 15.34 13.31 -24.15
CA ASP A 267 16.57 12.83 -23.55
C ASP A 267 16.29 11.65 -22.60
N MET A 268 15.21 11.72 -21.84
CA MET A 268 14.88 10.56 -21.00
C MET A 268 14.47 9.38 -21.87
N CYS A 269 13.85 9.63 -23.03
CA CYS A 269 13.55 8.53 -23.95
C CYS A 269 14.82 7.85 -24.42
N ALA A 270 15.88 8.63 -24.64
CA ALA A 270 17.13 8.02 -25.09
C ALA A 270 17.76 7.15 -24.00
N SER A 271 17.64 7.58 -22.73
CA SER A 271 18.09 6.76 -21.61
C SER A 271 17.32 5.45 -21.56
N LEU A 272 16.00 5.53 -21.72
CA LEU A 272 15.21 4.32 -21.68
C LEU A 272 15.53 3.41 -22.87
N LYS A 273 15.78 3.99 -24.04
CA LYS A 273 16.15 3.17 -25.18
C LYS A 273 17.40 2.37 -24.87
N GLU A 274 18.39 3.01 -24.25
CA GLU A 274 19.62 2.32 -23.92
C GLU A 274 19.36 1.19 -22.93
N LEU A 275 18.47 1.44 -21.96
CA LEU A 275 18.14 0.41 -20.98
C LEU A 275 17.48 -0.78 -21.66
N LEU A 276 16.53 -0.53 -22.56
CA LEU A 276 15.90 -1.65 -23.26
C LEU A 276 16.94 -2.44 -24.05
N GLN A 277 17.90 -1.73 -24.66
CA GLN A 277 18.81 -2.40 -25.56
C GLN A 277 19.94 -3.08 -24.80
N ASN A 278 20.41 -2.45 -23.73
CA ASN A 278 21.59 -2.89 -22.98
C ASN A 278 21.27 -3.54 -21.64
N GLY A 279 20.07 -3.36 -21.13
CA GLY A 279 19.77 -3.87 -19.81
C GLY A 279 20.32 -2.97 -18.72
N MET A 280 20.16 -3.44 -17.50
CA MET A 280 20.61 -2.72 -16.33
C MET A 280 21.96 -3.18 -15.82
N ASN A 281 22.53 -4.22 -16.44
CA ASN A 281 23.89 -4.67 -16.10
C ASN A 281 23.99 -4.96 -14.60
N GLY A 282 22.95 -5.58 -14.05
CA GLY A 282 22.94 -5.94 -12.64
C GLY A 282 22.62 -4.78 -11.73
N ARG A 283 22.85 -3.55 -12.19
CA ARG A 283 22.48 -2.38 -11.42
C ARG A 283 20.98 -2.40 -11.14
N THR A 284 20.54 -1.51 -10.25
CA THR A 284 19.12 -1.38 -9.95
C THR A 284 18.74 0.09 -9.98
N ILE A 285 17.45 0.34 -10.12
CA ILE A 285 16.87 1.67 -10.13
C ILE A 285 15.79 1.68 -9.08
N LEU A 286 15.89 2.61 -8.13
CA LEU A 286 14.92 2.72 -7.03
C LEU A 286 14.66 1.36 -6.38
N GLY A 287 15.71 0.57 -6.21
CA GLY A 287 15.62 -0.72 -5.58
C GLY A 287 15.23 -1.86 -6.49
N SER A 288 14.72 -1.55 -7.69
CA SER A 288 14.17 -2.56 -8.58
C SER A 288 15.18 -3.03 -9.61
N ALA A 289 15.21 -4.34 -9.84
CA ALA A 289 15.92 -4.91 -10.98
C ALA A 289 15.15 -4.80 -12.29
N LEU A 290 13.97 -4.20 -12.27
CA LEU A 290 13.09 -4.20 -13.42
C LEU A 290 12.55 -2.80 -13.62
N LEU A 291 12.23 -2.48 -14.88
CA LEU A 291 11.68 -1.17 -15.18
C LEU A 291 10.21 -1.15 -14.77
N GLU A 292 9.89 -0.29 -13.82
CA GLU A 292 8.56 -0.20 -13.23
C GLU A 292 7.65 0.68 -14.08
N ASP A 293 6.43 0.20 -14.35
CA ASP A 293 5.50 0.93 -15.23
C ASP A 293 4.13 1.19 -14.60
N GLU A 294 3.99 1.10 -13.27
CA GLU A 294 2.69 1.39 -12.67
C GLU A 294 2.76 2.61 -11.73
N PHE A 295 3.62 3.57 -12.06
CA PHE A 295 3.54 4.94 -11.57
C PHE A 295 3.26 5.88 -12.74
N THR A 296 2.18 6.63 -12.65
CA THR A 296 1.89 7.65 -13.65
C THR A 296 2.68 8.90 -13.36
N PRO A 297 2.78 9.80 -14.34
CA PRO A 297 3.36 11.12 -14.04
C PRO A 297 2.70 11.79 -12.85
N PHE A 298 1.36 11.80 -12.81
CA PHE A 298 0.63 12.36 -11.66
C PHE A 298 1.02 11.67 -10.36
N ASP A 299 1.16 10.35 -10.38
CA ASP A 299 1.58 9.63 -9.18
C ASP A 299 2.93 10.13 -8.68
N VAL A 300 3.86 10.38 -9.59
CA VAL A 300 5.20 10.80 -9.16
C VAL A 300 5.12 12.17 -8.52
N VAL A 301 4.44 13.10 -9.16
CA VAL A 301 4.33 14.45 -8.65
C VAL A 301 3.74 14.45 -7.25
N ARG A 302 2.55 13.87 -7.09
CA ARG A 302 1.89 13.82 -5.78
C ARG A 302 2.86 13.44 -4.67
N GLN A 303 3.93 12.73 -4.99
CA GLN A 303 4.95 12.31 -4.04
C GLN A 303 6.28 13.03 -4.24
N CYS A 304 6.46 13.69 -5.39
CA CYS A 304 7.67 14.45 -5.70
C CYS A 304 8.87 13.53 -5.96
N SER B 5 6.07 -11.69 -9.32
CA SER B 5 6.18 -12.54 -8.10
C SER B 5 4.81 -12.98 -7.59
N GLY B 6 3.83 -12.12 -7.78
CA GLY B 6 2.52 -12.34 -7.20
C GLY B 6 2.33 -11.70 -5.84
N PHE B 7 3.35 -11.03 -5.30
CA PHE B 7 3.26 -10.35 -4.02
C PHE B 7 3.47 -8.86 -4.24
N ARG B 8 2.80 -8.06 -3.41
CA ARG B 8 2.96 -6.62 -3.43
C ARG B 8 2.78 -6.08 -2.02
N LYS B 9 3.39 -4.94 -1.77
CA LYS B 9 3.14 -4.25 -0.51
C LYS B 9 1.66 -3.88 -0.43
N MET B 10 1.02 -4.32 0.63
CA MET B 10 -0.40 -4.10 0.86
C MET B 10 -0.55 -3.41 2.21
N ALA B 11 -1.19 -2.25 2.22
CA ALA B 11 -1.42 -1.55 3.49
C ALA B 11 -2.72 -2.02 4.10
N PHE B 12 -2.88 -1.75 5.39
CA PHE B 12 -4.20 -1.92 5.98
C PHE B 12 -5.10 -0.77 5.58
N PRO B 13 -6.41 -1.03 5.48
CA PRO B 13 -7.36 0.06 5.23
C PRO B 13 -7.18 1.14 6.28
N SER B 14 -7.21 2.38 5.86
CA SER B 14 -6.77 3.47 6.72
C SER B 14 -7.90 4.18 7.46
N GLY B 15 -9.16 3.79 7.22
CA GLY B 15 -10.27 4.60 7.70
C GLY B 15 -10.28 4.81 9.21
N LYS B 16 -9.98 3.76 9.96
CA LYS B 16 -10.02 3.87 11.42
C LYS B 16 -8.96 4.85 11.91
N VAL B 17 -7.86 5.01 11.18
CA VAL B 17 -6.84 5.97 11.56
C VAL B 17 -7.18 7.36 11.03
N GLU B 18 -7.76 7.45 9.82
CA GLU B 18 -8.18 8.73 9.29
C GLU B 18 -9.06 9.44 10.30
N GLY B 19 -9.93 8.68 10.95
CA GLY B 19 -10.90 9.26 11.89
C GLY B 19 -10.27 9.75 13.18
N CYS B 20 -8.96 9.58 13.31
CA CYS B 20 -8.23 10.04 14.49
C CYS B 20 -7.25 11.15 14.20
N MET B 21 -7.10 11.58 12.96
CA MET B 21 -6.08 12.55 12.62
C MET B 21 -6.60 13.96 12.86
N VAL B 22 -5.78 14.77 13.51
CA VAL B 22 -6.02 16.18 13.73
C VAL B 22 -4.75 16.96 13.41
N GLN B 23 -4.85 18.29 13.46
CA GLN B 23 -3.65 19.12 13.37
C GLN B 23 -3.44 19.81 14.71
N VAL B 24 -2.16 20.03 15.03
CA VAL B 24 -1.73 20.74 16.23
C VAL B 24 -0.81 21.86 15.80
N THR B 25 -1.11 23.08 16.23
CA THR B 25 -0.30 24.22 15.86
C THR B 25 0.17 24.98 17.09
N CYS B 26 1.45 25.33 17.06
CA CYS B 26 2.06 26.30 17.94
C CYS B 26 2.60 27.41 17.06
N GLY B 27 2.07 28.61 17.25
CA GLY B 27 2.45 29.73 16.42
C GLY B 27 2.11 29.50 14.97
N THR B 28 3.16 29.35 14.17
CA THR B 28 2.99 29.10 12.74
C THR B 28 3.41 27.70 12.36
N THR B 29 3.83 26.89 13.33
CA THR B 29 4.28 25.52 13.11
C THR B 29 3.10 24.56 13.32
N THR B 30 2.72 23.86 12.25
CA THR B 30 1.61 22.93 12.28
C THR B 30 2.14 21.55 11.95
N LEU B 31 1.81 20.58 12.77
CA LEU B 31 2.02 19.19 12.38
C LEU B 31 0.76 18.42 12.77
N ASN B 32 0.81 17.12 12.59
CA ASN B 32 -0.33 16.26 12.79
C ASN B 32 -0.34 15.69 14.20
N GLY B 33 -1.56 15.40 14.68
CA GLY B 33 -1.75 14.72 15.94
C GLY B 33 -2.76 13.58 15.80
N LEU B 34 -2.76 12.70 16.80
CA LEU B 34 -3.58 11.52 16.86
C LEU B 34 -4.51 11.67 18.06
N TRP B 35 -5.80 11.70 17.79
CA TRP B 35 -6.87 11.98 18.75
C TRP B 35 -7.52 10.67 19.11
N LEU B 36 -7.32 10.21 20.34
CA LEU B 36 -7.89 8.96 20.81
C LEU B 36 -8.53 9.23 22.15
N ASP B 37 -9.81 8.88 22.30
CA ASP B 37 -10.54 9.27 23.52
C ASP B 37 -10.34 10.78 23.69
N ASP B 38 -9.99 11.27 24.87
CA ASP B 38 -9.84 12.71 25.07
C ASP B 38 -8.39 13.14 25.12
N VAL B 39 -7.51 12.46 24.39
CA VAL B 39 -6.12 12.85 24.35
C VAL B 39 -5.68 12.97 22.90
N VAL B 40 -4.90 14.02 22.62
CA VAL B 40 -4.22 14.21 21.36
C VAL B 40 -2.73 14.02 21.56
N TYR B 41 -2.15 13.13 20.77
CA TYR B 41 -0.73 12.78 20.81
C TYR B 41 -0.03 13.40 19.61
N CYS B 42 1.13 14.01 19.83
CA CYS B 42 1.86 14.59 18.72
C CYS B 42 3.34 14.73 19.09
N PRO B 43 4.20 14.96 18.10
CA PRO B 43 5.62 15.18 18.41
C PRO B 43 5.84 16.43 19.26
N ARG B 44 6.68 16.30 20.27
CA ARG B 44 6.89 17.45 21.14
C ARG B 44 7.60 18.59 20.42
N HIS B 45 8.27 18.34 19.30
CA HIS B 45 8.96 19.46 18.68
C HIS B 45 8.01 20.46 18.02
N VAL B 46 6.70 20.24 18.11
CA VAL B 46 5.78 21.31 17.73
C VAL B 46 6.03 22.56 18.59
N ILE B 47 6.58 22.42 19.80
CA ILE B 47 6.73 23.60 20.67
C ILE B 47 8.06 24.30 20.45
N CYS B 48 8.81 23.86 19.47
CA CYS B 48 10.11 24.49 19.19
C CYS B 48 10.01 25.54 18.08
N THR B 49 10.67 26.66 18.28
CA THR B 49 10.89 27.59 17.17
C THR B 49 12.18 27.20 16.45
N SER B 50 12.38 27.80 15.28
CA SER B 50 13.60 27.55 14.52
C SER B 50 14.86 27.97 15.27
N GLU B 51 14.73 28.69 16.38
CA GLU B 51 15.89 29.01 17.21
C GLU B 51 16.10 28.01 18.34
N ASP B 52 15.07 27.24 18.68
CA ASP B 52 15.15 26.20 19.69
C ASP B 52 15.63 24.88 19.13
N MET B 53 15.61 24.74 17.81
CA MET B 53 15.60 23.42 17.20
C MET B 53 16.96 22.74 17.23
N LEU B 54 18.07 23.48 17.28
CA LEU B 54 19.38 22.82 17.24
C LEU B 54 19.60 22.02 18.51
N ASN B 55 19.18 22.56 19.65
CA ASN B 55 19.20 21.82 20.91
C ASN B 55 18.15 22.39 21.84
N PRO B 56 16.90 21.95 21.70
CA PRO B 56 15.84 22.48 22.56
C PRO B 56 15.98 21.96 23.97
N ASN B 57 15.64 22.81 24.94
CA ASN B 57 15.42 22.39 26.32
C ASN B 57 13.91 22.18 26.45
N TYR B 58 13.46 20.97 26.13
CA TYR B 58 12.03 20.74 26.03
C TYR B 58 11.33 20.98 27.35
N GLU B 59 11.99 20.67 28.47
CA GLU B 59 11.36 20.85 29.77
C GLU B 59 11.09 22.32 30.01
N ASP B 60 12.04 23.18 29.68
CA ASP B 60 11.86 24.62 29.86
C ASP B 60 10.86 25.18 28.86
N LEU B 61 10.94 24.76 27.60
CA LEU B 61 9.98 25.22 26.60
C LEU B 61 8.55 24.91 27.04
N LEU B 62 8.35 23.73 27.64
CA LEU B 62 7.02 23.33 28.03
C LEU B 62 6.52 24.13 29.23
N ILE B 63 7.41 24.52 30.14
CA ILE B 63 6.95 25.29 31.28
C ILE B 63 6.32 26.59 30.82
N ARG B 64 6.87 27.18 29.76
CA ARG B 64 6.35 28.45 29.25
C ARG B 64 5.07 28.26 28.46
N LYS B 65 4.67 27.04 28.18
CA LYS B 65 3.45 26.79 27.44
C LYS B 65 2.25 26.71 28.37
N SER B 66 1.12 27.22 27.89
CA SER B 66 -0.16 27.04 28.54
C SER B 66 -1.12 26.34 27.60
N ASN B 67 -2.18 25.78 28.17
CA ASN B 67 -3.19 25.11 27.35
C ASN B 67 -3.64 26.00 26.19
N HIS B 68 -3.94 27.26 26.49
CA HIS B 68 -4.49 28.16 25.48
C HIS B 68 -3.47 28.54 24.39
N ASN B 69 -2.22 28.08 24.48
CA ASN B 69 -1.24 28.29 23.42
C ASN B 69 -1.31 27.24 22.31
N PHE B 70 -2.05 26.15 22.49
CA PHE B 70 -2.09 25.05 21.53
C PHE B 70 -3.38 25.16 20.72
N LEU B 71 -3.26 25.17 19.40
CA LEU B 71 -4.41 25.18 18.51
C LEU B 71 -4.55 23.77 17.95
N VAL B 72 -5.52 23.03 18.46
CA VAL B 72 -5.83 21.68 18.00
C VAL B 72 -7.10 21.76 17.16
N GLN B 73 -7.05 21.22 15.94
CA GLN B 73 -8.20 21.28 15.06
C GLN B 73 -8.46 19.94 14.40
N ALA B 74 -9.73 19.53 14.38
CA ALA B 74 -10.19 18.47 13.49
C ALA B 74 -10.81 19.18 12.29
N GLY B 75 -10.14 19.13 11.16
CA GLY B 75 -10.56 20.00 10.08
C GLY B 75 -10.40 21.45 10.50
N ASN B 76 -11.46 22.23 10.32
CA ASN B 76 -11.49 23.62 10.73
C ASN B 76 -12.07 23.81 12.12
N VAL B 77 -12.38 22.73 12.82
CA VAL B 77 -13.10 22.80 14.08
C VAL B 77 -12.10 22.72 15.22
N GLN B 78 -12.07 23.74 16.05
CA GLN B 78 -11.10 23.76 17.14
C GLN B 78 -11.53 22.84 18.27
N LEU B 79 -10.57 22.07 18.77
CA LEU B 79 -10.75 21.22 19.95
C LEU B 79 -10.04 21.88 21.12
N ARG B 80 -10.78 22.20 22.19
CA ARG B 80 -10.18 22.93 23.29
C ARG B 80 -9.26 22.05 24.13
N VAL B 81 -8.04 22.55 24.39
CA VAL B 81 -7.04 21.86 25.19
C VAL B 81 -7.26 22.21 26.65
N ILE B 82 -7.33 21.19 27.51
CA ILE B 82 -7.60 21.37 28.94
C ILE B 82 -6.49 20.83 29.82
N GLY B 83 -5.45 20.24 29.24
CA GLY B 83 -4.29 19.81 29.98
C GLY B 83 -3.19 19.48 29.00
N HIS B 84 -1.95 19.52 29.48
CA HIS B 84 -0.83 19.16 28.60
C HIS B 84 0.27 18.52 29.44
N SER B 85 0.91 17.51 28.86
CA SER B 85 2.08 16.90 29.48
C SER B 85 2.99 16.35 28.40
N MET B 86 4.19 15.95 28.80
CA MET B 86 5.19 15.39 27.90
C MET B 86 5.56 14.00 28.39
N GLN B 87 5.58 13.03 27.47
CA GLN B 87 6.02 11.67 27.76
C GLN B 87 7.09 11.37 26.74
N ASN B 88 8.35 11.30 27.21
CA ASN B 88 9.48 11.12 26.33
C ASN B 88 9.40 12.17 25.23
N CYS B 89 9.30 11.79 23.96
CA CYS B 89 9.33 12.74 22.88
C CYS B 89 7.96 13.07 22.28
N VAL B 90 6.87 12.68 22.96
CA VAL B 90 5.53 13.03 22.50
C VAL B 90 4.89 13.96 23.52
N LEU B 91 4.10 14.86 22.98
CA LEU B 91 3.23 15.74 23.74
C LEU B 91 1.86 15.10 23.80
N LYS B 92 1.25 15.12 24.99
CA LYS B 92 -0.10 14.63 25.19
C LYS B 92 -0.99 15.80 25.59
N LEU B 93 -1.91 16.15 24.72
CA LEU B 93 -2.81 17.27 24.97
C LEU B 93 -4.17 16.71 25.33
N LYS B 94 -4.59 16.98 26.56
CA LYS B 94 -5.91 16.56 27.00
C LYS B 94 -6.90 17.55 26.42
N VAL B 95 -7.99 17.05 25.83
CA VAL B 95 -8.98 17.91 25.18
C VAL B 95 -10.34 17.65 25.81
N ASP B 96 -11.29 18.54 25.56
CA ASP B 96 -12.55 18.49 26.26
C ASP B 96 -13.58 17.60 25.57
N THR B 97 -13.20 16.94 24.48
CA THR B 97 -14.12 16.13 23.70
C THR B 97 -13.47 14.78 23.45
N ALA B 98 -14.16 13.72 23.84
CA ALA B 98 -13.71 12.38 23.46
C ALA B 98 -13.99 12.14 21.99
N ASN B 99 -12.97 11.65 21.24
CA ASN B 99 -13.17 11.38 19.82
C ASN B 99 -14.21 10.28 19.62
N PRO B 100 -15.38 10.60 19.04
CA PRO B 100 -16.37 9.55 18.79
C PRO B 100 -15.93 8.49 17.79
N LYS B 101 -14.91 8.76 16.98
CA LYS B 101 -14.40 7.76 16.04
C LYS B 101 -13.23 6.97 16.59
N THR B 102 -12.96 7.06 17.90
CA THR B 102 -11.87 6.28 18.48
C THR B 102 -12.12 4.80 18.23
N PRO B 103 -11.20 4.10 17.59
CA PRO B 103 -11.33 2.65 17.42
C PRO B 103 -10.86 1.95 18.67
N LYS B 104 -11.07 0.63 18.69
CA LYS B 104 -10.30 -0.19 19.60
C LYS B 104 -8.84 -0.07 19.20
N TYR B 105 -7.97 0.14 20.19
CA TYR B 105 -6.56 0.38 19.91
C TYR B 105 -5.64 -0.07 21.03
N LYS B 106 -4.38 -0.27 20.65
CA LYS B 106 -3.29 -0.36 21.60
C LYS B 106 -2.10 0.34 21.00
N PHE B 107 -1.14 0.58 21.87
CA PHE B 107 0.17 1.13 21.52
C PHE B 107 1.18 0.01 21.62
N VAL B 108 1.82 -0.32 20.51
CA VAL B 108 2.79 -1.41 20.48
C VAL B 108 4.12 -0.87 19.98
N ARG B 109 5.19 -1.42 20.52
CA ARG B 109 6.52 -1.10 20.07
C ARG B 109 7.03 -2.28 19.24
N ILE B 110 7.27 -2.03 17.96
CA ILE B 110 7.55 -3.12 17.04
C ILE B 110 9.04 -3.39 17.04
N GLN B 111 9.41 -4.53 16.41
CA GLN B 111 10.79 -4.91 16.26
C GLN B 111 11.27 -4.66 14.84
N PRO B 112 12.57 -4.44 14.66
CA PRO B 112 13.13 -4.35 13.31
C PRO B 112 12.69 -5.53 12.47
N GLY B 113 12.37 -5.23 11.20
CA GLY B 113 11.86 -6.17 10.27
C GLY B 113 10.35 -6.17 10.15
N GLN B 114 9.65 -5.77 11.21
CA GLN B 114 8.21 -5.78 11.16
CA GLN B 114 8.20 -5.74 11.18
C GLN B 114 7.73 -4.65 10.24
N THR B 115 6.61 -4.90 9.60
CA THR B 115 6.04 -3.98 8.64
C THR B 115 4.84 -3.32 9.29
N PHE B 116 4.46 -2.19 8.73
CA PHE B 116 3.31 -1.45 9.22
C PHE B 116 2.88 -0.50 8.12
N SER B 117 1.64 -0.07 8.20
CA SER B 117 1.09 0.90 7.28
C SER B 117 1.30 2.29 7.83
N VAL B 118 1.66 3.22 6.95
CA VAL B 118 1.77 4.63 7.30
C VAL B 118 0.66 5.39 6.59
N LEU B 119 -0.06 6.23 7.34
CA LEU B 119 -1.04 7.14 6.76
C LEU B 119 -0.35 8.52 6.69
N ALA B 120 0.18 8.87 5.54
CA ALA B 120 0.89 10.13 5.41
C ALA B 120 -0.10 11.27 5.43
N CYS B 121 0.13 12.28 6.28
CA CYS B 121 -0.84 13.35 6.49
C CYS B 121 -0.13 14.70 6.46
N TYR B 122 -0.86 15.72 6.01
CA TYR B 122 -0.38 17.09 6.05
C TYR B 122 -1.52 17.97 6.51
N ASN B 123 -1.25 18.82 7.51
CA ASN B 123 -2.27 19.70 8.06
C ASN B 123 -3.50 18.92 8.48
N GLY B 124 -3.27 17.73 9.04
CA GLY B 124 -4.33 16.91 9.57
C GLY B 124 -5.10 16.16 8.53
N SER B 125 -4.75 16.29 7.23
CA SER B 125 -5.50 15.70 6.13
C SER B 125 -4.71 14.56 5.50
N PRO B 126 -5.30 13.39 5.37
CA PRO B 126 -4.55 12.26 4.79
C PRO B 126 -4.27 12.45 3.32
N SER B 127 -3.04 12.13 2.92
CA SER B 127 -2.66 12.13 1.52
C SER B 127 -2.55 10.74 0.93
N GLY B 128 -2.14 9.74 1.70
CA GLY B 128 -1.91 8.43 1.10
C GLY B 128 -1.54 7.44 2.18
N VAL B 129 -1.61 6.16 1.82
CA VAL B 129 -1.26 5.08 2.73
C VAL B 129 -0.34 4.09 2.04
N TYR B 130 0.69 3.63 2.74
CA TYR B 130 1.62 2.68 2.16
C TYR B 130 2.28 1.87 3.25
N GLN B 131 2.85 0.74 2.85
CA GLN B 131 3.49 -0.15 3.79
C GLN B 131 4.99 0.14 3.92
N CYS B 132 5.49 0.17 5.15
CA CYS B 132 6.89 0.39 5.48
C CYS B 132 7.42 -0.80 6.27
N ALA B 133 8.72 -1.05 6.15
CA ALA B 133 9.40 -2.00 7.02
C ALA B 133 10.35 -1.25 7.93
N MET B 134 10.36 -1.57 9.22
CA MET B 134 11.35 -1.05 10.14
C MET B 134 12.68 -1.74 9.82
N ARG B 135 13.67 -0.98 9.35
CA ARG B 135 14.97 -1.54 9.04
C ARG B 135 15.70 -1.94 10.32
N PRO B 136 16.71 -2.82 10.21
CA PRO B 136 17.47 -3.21 11.39
C PRO B 136 18.21 -2.07 12.04
N ASN B 137 18.47 -0.99 11.31
CA ASN B 137 19.08 0.18 11.92
C ASN B 137 18.04 1.20 12.43
N PHE B 138 16.78 0.78 12.54
CA PHE B 138 15.72 1.55 13.19
C PHE B 138 15.35 2.79 12.40
N THR B 139 15.50 2.72 11.09
CA THR B 139 14.97 3.70 10.16
C THR B 139 13.92 3.05 9.28
N ILE B 140 13.07 3.91 8.70
CA ILE B 140 12.13 3.50 7.67
C ILE B 140 12.36 4.35 6.42
N LYS B 141 12.00 3.75 5.28
CA LYS B 141 12.05 4.43 3.99
C LYS B 141 10.64 4.88 3.65
N GLY B 142 10.28 6.03 4.19
CA GLY B 142 8.98 6.62 3.94
C GLY B 142 9.00 7.57 2.77
N SER B 143 7.82 8.10 2.48
CA SER B 143 7.64 9.26 1.62
C SER B 143 7.06 10.30 2.57
N PHE B 144 7.96 11.06 3.19
CA PHE B 144 7.60 12.05 4.20
C PHE B 144 8.16 13.41 3.81
N LEU B 145 7.29 14.38 3.59
CA LEU B 145 7.66 15.74 3.24
C LEU B 145 7.49 16.68 4.44
N ASN B 146 7.91 17.93 4.26
CA ASN B 146 7.59 18.96 5.24
C ASN B 146 6.12 18.90 5.62
N GLY B 147 5.85 19.01 6.93
CA GLY B 147 4.50 18.94 7.45
C GLY B 147 3.99 17.54 7.77
N SER B 148 4.78 16.51 7.52
CA SER B 148 4.31 15.15 7.74
C SER B 148 4.44 14.67 9.18
N CYS B 149 5.21 15.36 10.01
CA CYS B 149 5.40 14.88 11.37
C CYS B 149 4.06 14.67 12.09
N GLY B 150 4.04 13.65 12.93
CA GLY B 150 2.83 13.26 13.59
C GLY B 150 1.99 12.28 12.80
N SER B 151 2.28 12.09 11.51
CA SER B 151 1.71 10.92 10.80
C SER B 151 2.13 9.65 11.54
N VAL B 152 1.23 8.65 11.51
CA VAL B 152 1.46 7.46 12.30
C VAL B 152 1.51 6.22 11.43
N GLY B 153 2.17 5.22 12.00
CA GLY B 153 2.24 3.88 11.46
C GLY B 153 1.43 2.95 12.35
N PHE B 154 0.86 1.91 11.75
CA PHE B 154 -0.09 1.07 12.44
C PHE B 154 -0.23 -0.28 11.73
N ASN B 155 -0.80 -1.23 12.46
CA ASN B 155 -1.32 -2.50 11.96
C ASN B 155 -2.71 -2.66 12.52
N ILE B 156 -3.54 -3.44 11.83
CA ILE B 156 -4.92 -3.65 12.26
C ILE B 156 -5.14 -5.15 12.37
N ASP B 157 -5.53 -5.61 13.56
CA ASP B 157 -5.90 -7.00 13.84
C ASP B 157 -7.34 -7.04 14.34
N TYR B 158 -8.24 -7.59 13.55
CA TYR B 158 -9.63 -7.81 14.00
C TYR B 158 -10.24 -6.51 14.55
N ASP B 159 -10.22 -5.47 13.72
CA ASP B 159 -10.78 -4.15 14.07
C ASP B 159 -10.04 -3.46 15.23
N CYS B 160 -8.94 -4.00 15.73
CA CYS B 160 -8.13 -3.29 16.71
C CYS B 160 -6.92 -2.68 16.02
N VAL B 161 -6.71 -1.40 16.24
CA VAL B 161 -5.59 -0.71 15.63
C VAL B 161 -4.45 -0.70 16.62
N SER B 162 -3.32 -1.33 16.23
CA SER B 162 -2.06 -1.26 16.98
C SER B 162 -1.20 -0.17 16.38
N PHE B 163 -1.12 0.98 17.07
CA PHE B 163 -0.29 2.09 16.65
C PHE B 163 1.14 1.82 17.06
N CYS B 164 2.06 1.87 16.09
CA CYS B 164 3.45 1.56 16.40
C CYS B 164 4.45 2.65 16.07
N TYR B 165 4.08 3.71 15.36
CA TYR B 165 5.06 4.68 14.88
C TYR B 165 4.41 6.05 14.78
N MET B 166 5.18 7.08 15.15
CA MET B 166 4.79 8.46 14.91
C MET B 166 5.99 9.16 14.31
N HIS B 167 5.79 9.92 13.25
CA HIS B 167 6.92 10.43 12.48
C HIS B 167 7.49 11.71 13.06
N HIS B 168 8.83 11.78 13.13
CA HIS B 168 9.50 12.98 13.68
C HIS B 168 10.53 13.60 12.75
N MET B 169 11.27 12.82 11.96
CA MET B 169 12.40 13.45 11.28
C MET B 169 12.94 12.65 10.09
N GLU B 170 13.72 13.36 9.28
CA GLU B 170 14.46 12.78 8.18
C GLU B 170 15.95 12.88 8.42
N LEU B 171 16.66 11.82 8.15
CA LEU B 171 18.10 11.76 8.29
C LEU B 171 18.80 12.21 7.03
N PRO B 172 20.10 12.52 7.10
CA PRO B 172 20.81 13.01 5.90
C PRO B 172 20.70 12.11 4.69
N THR B 173 20.63 10.78 4.86
CA THR B 173 20.52 9.86 3.73
C THR B 173 19.13 9.80 3.12
N GLY B 174 18.16 10.57 3.63
CA GLY B 174 16.82 10.55 3.08
C GLY B 174 15.87 9.58 3.75
N VAL B 175 16.36 8.75 4.67
CA VAL B 175 15.49 7.83 5.40
C VAL B 175 14.92 8.55 6.61
N HIS B 176 14.02 7.89 7.34
CA HIS B 176 13.15 8.55 8.29
C HIS B 176 13.23 7.85 9.64
N ALA B 177 12.98 8.62 10.70
CA ALA B 177 13.06 8.16 12.06
C ALA B 177 11.91 8.77 12.88
N GLY B 178 11.54 8.06 13.92
CA GLY B 178 10.45 8.49 14.77
C GLY B 178 10.37 7.61 15.98
N THR B 179 9.23 7.72 16.65
CA THR B 179 8.98 7.13 17.96
C THR B 179 7.83 6.15 17.93
N ASP B 180 7.68 5.39 19.01
CA ASP B 180 6.41 4.71 19.24
C ASP B 180 5.45 5.73 19.86
N LEU B 181 4.25 5.29 20.22
CA LEU B 181 3.27 6.25 20.70
C LEU B 181 3.46 6.58 22.17
N GLU B 182 4.44 5.96 22.84
CA GLU B 182 4.90 6.42 24.14
C GLU B 182 6.03 7.42 24.04
N GLY B 183 6.41 7.82 22.82
CA GLY B 183 7.41 8.84 22.63
C GLY B 183 8.84 8.36 22.66
N ASN B 184 9.09 7.07 22.70
CA ASN B 184 10.45 6.54 22.71
C ASN B 184 10.91 6.31 21.29
N PHE B 185 12.02 6.94 20.90
CA PHE B 185 12.54 6.76 19.55
C PHE B 185 12.89 5.29 19.29
N TYR B 186 12.65 4.86 18.06
CA TYR B 186 13.31 3.69 17.52
C TYR B 186 14.74 4.07 17.14
N GLY B 187 15.70 3.37 17.69
CA GLY B 187 17.08 3.65 17.35
C GLY B 187 17.66 4.75 18.24
N PRO B 188 18.91 5.13 17.97
CA PRO B 188 19.61 6.05 18.87
C PRO B 188 19.28 7.52 18.66
N PHE B 189 18.26 7.84 17.88
CA PHE B 189 18.04 9.18 17.37
C PHE B 189 17.38 10.08 18.43
N VAL B 190 17.56 11.39 18.24
CA VAL B 190 17.06 12.40 19.16
C VAL B 190 16.36 13.48 18.34
N ASP B 191 15.35 14.14 18.95
CA ASP B 191 14.56 15.12 18.20
C ASP B 191 15.19 16.49 18.32
N ARG B 192 16.30 16.65 17.59
CA ARG B 192 17.04 17.89 17.45
C ARG B 192 17.40 18.08 15.99
N GLN B 193 17.53 19.34 15.57
CA GLN B 193 17.83 19.67 14.19
C GLN B 193 19.34 19.52 13.94
N THR B 194 19.80 18.27 14.10
CA THR B 194 21.19 17.91 13.90
C THR B 194 21.29 16.75 12.92
N ALA B 195 22.48 16.62 12.30
CA ALA B 195 22.72 15.52 11.37
C ALA B 195 23.08 14.27 12.16
N GLN B 196 22.30 13.22 11.99
CA GLN B 196 22.45 11.99 12.74
C GLN B 196 22.56 10.88 11.72
N ALA B 197 23.60 10.07 11.84
CA ALA B 197 23.77 8.96 10.93
C ALA B 197 23.10 7.73 11.50
N ALA B 198 22.41 6.99 10.66
CA ALA B 198 21.97 5.67 11.09
C ALA B 198 23.12 4.69 10.94
N GLY B 199 23.06 3.63 11.73
CA GLY B 199 23.99 2.53 11.53
C GLY B 199 23.89 1.97 10.14
N THR B 200 24.96 1.33 9.71
CA THR B 200 24.91 0.69 8.40
C THR B 200 23.77 -0.32 8.42
N ASP B 201 22.96 -0.30 7.39
CA ASP B 201 21.81 -1.18 7.40
C ASP B 201 22.22 -2.58 6.97
N THR B 202 21.37 -3.52 7.33
CA THR B 202 21.57 -4.93 7.01
C THR B 202 20.28 -5.48 6.42
N THR B 203 20.39 -6.68 5.86
CA THR B 203 19.23 -7.35 5.27
C THR B 203 18.40 -8.06 6.32
N ILE B 204 17.07 -7.98 6.18
CA ILE B 204 16.18 -8.55 7.20
C ILE B 204 16.01 -10.04 6.95
N THR B 205 16.85 -10.82 7.63
CA THR B 205 16.93 -12.25 7.43
C THR B 205 15.60 -12.94 7.63
N VAL B 206 14.90 -12.59 8.70
CA VAL B 206 13.62 -13.26 8.97
C VAL B 206 12.64 -13.07 7.82
N ASN B 207 12.63 -11.88 7.21
CA ASN B 207 11.74 -11.65 6.09
C ASN B 207 12.22 -12.35 4.82
N VAL B 208 13.54 -12.49 4.64
CA VAL B 208 13.99 -13.28 3.51
C VAL B 208 13.56 -14.73 3.68
N LEU B 209 13.65 -15.25 4.90
CA LEU B 209 13.19 -16.62 5.09
C LEU B 209 11.69 -16.70 4.82
N ALA B 210 10.91 -15.70 5.26
CA ALA B 210 9.50 -15.69 4.91
C ALA B 210 9.30 -15.74 3.41
N TRP B 211 10.12 -14.99 2.69
CA TRP B 211 10.06 -14.98 1.23
C TRP B 211 10.35 -16.37 0.67
N LEU B 212 11.36 -17.04 1.20
CA LEU B 212 11.66 -18.40 0.73
C LEU B 212 10.49 -19.35 1.00
N TYR B 213 9.86 -19.25 2.17
CA TYR B 213 8.66 -20.02 2.45
C TYR B 213 7.56 -19.71 1.45
N ALA B 214 7.38 -18.42 1.12
CA ALA B 214 6.36 -18.07 0.14
C ALA B 214 6.65 -18.72 -1.21
N ALA B 215 7.92 -18.75 -1.61
CA ALA B 215 8.28 -19.40 -2.85
C ALA B 215 7.91 -20.88 -2.79
N VAL B 216 8.22 -21.54 -1.67
CA VAL B 216 7.87 -22.95 -1.53
C VAL B 216 6.36 -23.13 -1.64
N ILE B 217 5.60 -22.27 -0.96
CA ILE B 217 4.15 -22.40 -0.98
C ILE B 217 3.64 -22.37 -2.41
N ASN B 218 4.31 -21.62 -3.28
CA ASN B 218 3.89 -21.44 -4.66
C ASN B 218 4.58 -22.41 -5.61
N GLY B 219 5.22 -23.45 -5.09
CA GLY B 219 5.80 -24.52 -5.90
C GLY B 219 7.21 -24.28 -6.40
N ASP B 220 7.89 -23.26 -5.90
CA ASP B 220 9.20 -22.82 -6.39
C ASP B 220 10.20 -23.18 -5.30
N ARG B 221 10.83 -24.36 -5.42
CA ARG B 221 11.53 -24.90 -4.26
C ARG B 221 12.87 -25.55 -4.62
N TRP B 222 13.51 -25.08 -5.72
CA TRP B 222 14.77 -25.67 -6.16
C TRP B 222 15.87 -25.52 -5.13
N PHE B 223 15.78 -24.49 -4.27
CA PHE B 223 16.81 -24.13 -3.33
C PHE B 223 16.76 -24.93 -2.05
N LEU B 224 15.75 -25.76 -1.85
CA LEU B 224 15.69 -26.59 -0.67
C LEU B 224 16.76 -27.67 -0.74
N ASN B 225 17.36 -27.99 0.40
CA ASN B 225 18.38 -29.03 0.48
C ASN B 225 18.10 -29.97 1.64
N ARG B 226 18.94 -30.99 1.77
CA ARG B 226 18.76 -32.06 2.75
C ARG B 226 19.53 -31.81 4.04
N PHE B 227 20.04 -30.61 4.26
CA PHE B 227 20.88 -30.34 5.42
C PHE B 227 20.25 -29.29 6.33
N THR B 228 20.87 -29.12 7.49
CA THR B 228 20.39 -28.18 8.50
C THR B 228 21.59 -27.47 9.09
N THR B 229 21.31 -26.62 10.07
CA THR B 229 22.33 -25.80 10.70
C THR B 229 21.84 -25.48 12.10
N THR B 230 22.77 -25.08 12.94
CA THR B 230 22.36 -24.48 14.21
C THR B 230 22.13 -22.99 13.99
N LEU B 231 21.39 -22.39 14.91
CA LEU B 231 21.12 -20.97 14.80
C LEU B 231 22.40 -20.16 14.90
N ASN B 232 23.29 -20.57 15.82
CA ASN B 232 24.56 -19.85 15.93
C ASN B 232 25.39 -19.95 14.66
N ASP B 233 25.55 -21.18 14.11
CA ASP B 233 26.35 -21.28 12.89
C ASP B 233 25.77 -20.44 11.77
N PHE B 234 24.44 -20.43 11.64
CA PHE B 234 23.83 -19.60 10.62
C PHE B 234 24.10 -18.12 10.88
N ASN B 235 23.93 -17.67 12.12
CA ASN B 235 24.11 -16.27 12.42
C ASN B 235 25.53 -15.81 12.12
N LEU B 236 26.53 -16.66 12.40
CA LEU B 236 27.91 -16.29 12.12
C LEU B 236 28.15 -16.11 10.63
N VAL B 237 27.56 -16.96 9.79
CA VAL B 237 27.67 -16.76 8.35
C VAL B 237 26.87 -15.53 7.93
N ALA B 238 25.63 -15.42 8.44
CA ALA B 238 24.78 -14.30 8.06
C ALA B 238 25.49 -12.96 8.21
N MET B 239 26.19 -12.76 9.34
CA MET B 239 26.80 -11.45 9.56
C MET B 239 27.89 -11.16 8.52
N LYS B 240 28.52 -12.20 7.98
CA LYS B 240 29.54 -11.99 6.95
C LYS B 240 28.94 -11.50 5.65
N TYR B 241 27.63 -11.67 5.45
CA TYR B 241 26.97 -11.21 4.23
C TYR B 241 26.04 -10.03 4.49
N ASN B 242 26.23 -9.33 5.60
CA ASN B 242 25.44 -8.16 6.00
C ASN B 242 23.97 -8.50 6.16
N TYR B 243 23.70 -9.73 6.60
CA TYR B 243 22.37 -10.16 7.01
C TYR B 243 22.25 -10.03 8.52
N GLU B 244 21.07 -9.67 9.00
CA GLU B 244 20.83 -9.57 10.43
C GLU B 244 20.90 -10.94 11.08
N PRO B 245 21.51 -11.07 12.24
CA PRO B 245 21.37 -12.32 12.99
C PRO B 245 19.93 -12.56 13.37
N LEU B 246 19.55 -13.82 13.35
CA LEU B 246 18.24 -14.23 13.79
C LEU B 246 18.15 -14.25 15.31
N THR B 247 16.99 -13.84 15.83
CA THR B 247 16.63 -13.97 17.23
C THR B 247 15.69 -15.16 17.42
N GLN B 248 15.48 -15.49 18.70
CA GLN B 248 14.51 -16.52 19.02
C GLN B 248 13.13 -16.08 18.58
N ASP B 249 12.81 -14.78 18.73
CA ASP B 249 11.49 -14.32 18.30
C ASP B 249 11.30 -14.53 16.81
N HIS B 250 12.36 -14.33 16.03
CA HIS B 250 12.33 -14.59 14.59
C HIS B 250 12.02 -16.04 14.28
N VAL B 251 12.67 -16.95 14.99
CA VAL B 251 12.40 -18.35 14.81
C VAL B 251 10.94 -18.62 15.13
N ASP B 252 10.43 -18.01 16.21
CA ASP B 252 9.05 -18.23 16.62
C ASP B 252 8.04 -17.71 15.59
N ILE B 253 8.27 -16.53 15.01
CA ILE B 253 7.28 -16.00 14.08
C ILE B 253 7.32 -16.70 12.72
N LEU B 254 8.36 -17.49 12.44
CA LEU B 254 8.37 -18.36 11.26
C LEU B 254 7.62 -19.66 11.49
N GLY B 255 7.14 -19.91 12.71
CA GLY B 255 6.49 -21.15 13.06
C GLY B 255 5.34 -21.49 12.13
N PRO B 256 4.40 -20.56 11.95
CA PRO B 256 3.26 -20.87 11.09
C PRO B 256 3.66 -21.28 9.67
N LEU B 257 4.64 -20.62 9.05
CA LEU B 257 5.05 -20.98 7.69
C LEU B 257 5.80 -22.30 7.67
N SER B 258 6.62 -22.54 8.70
CA SER B 258 7.28 -23.83 8.85
C SER B 258 6.26 -24.95 8.96
N ALA B 259 5.20 -24.71 9.73
CA ALA B 259 4.18 -25.74 9.85
C ALA B 259 3.41 -25.92 8.54
N GLN B 260 3.11 -24.82 7.86
CA GLN B 260 2.37 -24.90 6.61
C GLN B 260 3.12 -25.67 5.53
N THR B 261 4.45 -25.57 5.50
CA THR B 261 5.27 -26.24 4.49
C THR B 261 5.96 -27.49 4.99
N GLY B 262 6.02 -27.70 6.31
CA GLY B 262 6.74 -28.81 6.90
C GLY B 262 8.23 -28.68 6.82
N ILE B 263 8.73 -27.51 6.49
CA ILE B 263 10.16 -27.27 6.41
C ILE B 263 10.60 -26.59 7.70
N ALA B 264 11.43 -27.28 8.50
CA ALA B 264 11.92 -26.72 9.74
C ALA B 264 12.63 -25.40 9.49
N VAL B 265 12.45 -24.46 10.41
CA VAL B 265 13.11 -23.16 10.30
C VAL B 265 14.60 -23.29 10.05
N LEU B 266 15.28 -24.10 10.88
CA LEU B 266 16.73 -24.28 10.73
C LEU B 266 17.11 -24.95 9.42
N ASP B 267 16.24 -25.81 8.86
CA ASP B 267 16.48 -26.34 7.53
C ASP B 267 16.38 -25.23 6.48
N MET B 268 15.39 -24.34 6.62
CA MET B 268 15.35 -23.23 5.67
C MET B 268 16.56 -22.35 5.85
N CYS B 269 17.03 -22.18 7.08
CA CYS B 269 18.24 -21.39 7.27
C CYS B 269 19.43 -22.02 6.54
N ALA B 270 19.53 -23.35 6.54
CA ALA B 270 20.59 -24.00 5.78
C ALA B 270 20.43 -23.73 4.30
N SER B 271 19.20 -23.76 3.78
CA SER B 271 19.05 -23.40 2.38
C SER B 271 19.47 -21.95 2.11
N LEU B 272 19.13 -21.04 3.03
CA LEU B 272 19.50 -19.66 2.80
C LEU B 272 21.01 -19.49 2.88
N LYS B 273 21.65 -20.15 3.84
CA LYS B 273 23.09 -20.10 3.95
C LYS B 273 23.75 -20.54 2.65
N GLU B 274 23.22 -21.59 2.01
CA GLU B 274 23.79 -22.01 0.74
C GLU B 274 23.59 -20.95 -0.34
N LEU B 275 22.42 -20.30 -0.37
CA LEU B 275 22.24 -19.22 -1.34
C LEU B 275 23.26 -18.10 -1.08
N LEU B 276 23.51 -17.79 0.18
CA LEU B 276 24.40 -16.68 0.48
C LEU B 276 25.81 -17.01 -0.01
N GLN B 277 26.25 -18.22 0.30
CA GLN B 277 27.63 -18.65 0.05
C GLN B 277 27.88 -18.97 -1.42
N ASN B 278 26.89 -19.52 -2.11
CA ASN B 278 27.04 -19.91 -3.50
C ASN B 278 26.38 -18.96 -4.47
N GLY B 279 25.48 -18.11 -4.00
CA GLY B 279 24.72 -17.27 -4.90
C GLY B 279 23.68 -18.05 -5.68
N MET B 280 22.97 -17.33 -6.54
CA MET B 280 21.84 -17.88 -7.27
C MET B 280 22.25 -18.64 -8.53
N ASN B 281 23.43 -18.37 -9.07
CA ASN B 281 23.90 -19.05 -10.27
C ASN B 281 22.88 -18.92 -11.40
N GLY B 282 22.46 -17.68 -11.65
CA GLY B 282 21.59 -17.40 -12.78
C GLY B 282 20.17 -17.87 -12.64
N ARG B 283 19.73 -18.22 -11.45
CA ARG B 283 18.37 -18.70 -11.22
C ARG B 283 17.57 -17.62 -10.52
N THR B 284 16.25 -17.83 -10.51
CA THR B 284 15.33 -16.89 -9.90
C THR B 284 14.51 -17.60 -8.84
N ILE B 285 13.95 -16.79 -7.95
CA ILE B 285 13.01 -17.26 -6.93
C ILE B 285 11.82 -16.33 -7.02
N LEU B 286 10.64 -16.91 -7.20
CA LEU B 286 9.43 -16.12 -7.42
C LEU B 286 9.67 -15.07 -8.50
N GLY B 287 10.44 -15.43 -9.52
CA GLY B 287 10.61 -14.55 -10.66
C GLY B 287 11.76 -13.56 -10.59
N SER B 288 12.51 -13.53 -9.50
CA SER B 288 13.52 -12.50 -9.29
C SER B 288 14.83 -13.13 -8.89
N ALA B 289 15.94 -12.53 -9.35
CA ALA B 289 17.26 -12.88 -8.85
C ALA B 289 17.58 -12.20 -7.54
N LEU B 290 16.71 -11.30 -7.08
CA LEU B 290 16.91 -10.61 -5.82
C LEU B 290 16.02 -11.20 -4.75
N LEU B 291 16.58 -11.36 -3.56
CA LEU B 291 15.83 -11.83 -2.40
C LEU B 291 15.16 -10.65 -1.71
N GLU B 292 13.85 -10.74 -1.56
CA GLU B 292 13.06 -9.68 -0.97
C GLU B 292 13.10 -9.76 0.56
N ASP B 293 13.29 -8.61 1.23
CA ASP B 293 13.30 -8.62 2.70
C ASP B 293 12.29 -7.68 3.36
N GLU B 294 11.27 -7.19 2.64
CA GLU B 294 10.28 -6.34 3.29
C GLU B 294 8.88 -6.97 3.37
N PHE B 295 8.78 -8.29 3.26
CA PHE B 295 7.57 -9.03 3.59
C PHE B 295 7.80 -9.93 4.80
N THR B 296 7.03 -9.69 5.85
CA THR B 296 7.13 -10.47 7.08
C THR B 296 6.42 -11.80 6.92
N PRO B 297 6.65 -12.71 7.85
CA PRO B 297 5.91 -13.96 7.84
C PRO B 297 4.42 -13.73 7.84
N PHE B 298 3.94 -12.72 8.60
CA PHE B 298 2.50 -12.43 8.61
C PHE B 298 2.05 -11.92 7.25
N ASP B 299 2.85 -11.06 6.61
CA ASP B 299 2.49 -10.53 5.30
C ASP B 299 2.33 -11.66 4.29
N VAL B 300 3.20 -12.66 4.38
CA VAL B 300 3.13 -13.76 3.42
C VAL B 300 1.85 -14.54 3.63
N VAL B 301 1.55 -14.86 4.88
CA VAL B 301 0.35 -15.65 5.12
C VAL B 301 -0.87 -14.87 4.70
N ARG B 302 -0.85 -13.56 4.90
CA ARG B 302 -2.00 -12.72 4.54
C ARG B 302 -2.21 -12.72 3.03
N GLN B 303 -1.14 -12.77 2.24
CA GLN B 303 -1.26 -12.72 0.78
C GLN B 303 -1.34 -14.09 0.13
N CYS B 304 -1.02 -15.17 0.86
CA CYS B 304 -1.11 -16.51 0.31
C CYS B 304 -2.41 -17.20 0.65
N SER B 305 -3.00 -16.88 1.81
CA SER B 305 -4.09 -17.65 2.39
C SER B 305 -5.35 -16.80 2.61
#